data_3T0I
#
_entry.id   3T0I
#
_cell.length_a   60.642
_cell.length_b   74.525
_cell.length_c   117.221
_cell.angle_alpha   90.00
_cell.angle_beta   90.00
_cell.angle_gamma   90.00
#
_symmetry.space_group_name_H-M   'P 21 21 21'
#
loop_
_entity.id
_entity.type
_entity.pdbx_description
1 polymer 'Putative methyltransferase'
2 non-polymer S-ADENOSYL-L-HOMOCYSTEINE
3 water water
#
_entity_poly.entity_id   1
_entity_poly.type   'polypeptide(L)'
_entity_poly.pdbx_seq_one_letter_code
;MHHHHHHSNNNTSIHDFDFSFICNYFKLLKRQGPGSPEATRKAVSFINELTDDAKIADIGCGTGGQTLFLADYVKGQITG
IDLFPDFIEIFNENAVKANCADRVKGITGSMDNLPFQNEELDLIWSEGAIYNIGFERGMNEWSKYLKKGGFIAVSEASWF
TSERPAEIEDFWMDAYPEISVIPTCIDKMERAGYTPTAHFILPENCWTEHYFAPQDEVRETFMKEHAGNKTAMDFMKGQQ
YERSLYSKYKDYYGYVFYIGQKR
;
_entity_poly.pdbx_strand_id   A,B
#
# COMPACT_ATOMS: atom_id res chain seq x y z
N PHE A 19 26.36 15.98 16.90
CA PHE A 19 24.96 16.22 17.33
C PHE A 19 24.90 16.58 18.81
N SER A 20 25.66 17.61 19.18
CA SER A 20 25.71 18.06 20.57
C SER A 20 24.33 18.50 21.06
N PHE A 21 24.00 19.78 20.85
CA PHE A 21 22.71 20.32 21.27
C PHE A 21 21.63 19.96 20.26
N ILE A 22 22.03 19.30 19.17
CA ILE A 22 21.09 18.89 18.14
C ILE A 22 20.13 17.85 18.69
N CYS A 23 20.67 16.91 19.44
CA CYS A 23 19.86 15.86 20.03
C CYS A 23 19.07 16.35 21.24
N ASN A 24 19.58 17.38 21.91
CA ASN A 24 18.86 17.93 23.06
C ASN A 24 17.67 18.73 22.55
N TYR A 25 17.73 19.10 21.28
CA TYR A 25 16.66 19.86 20.66
C TYR A 25 15.49 18.93 20.30
N PHE A 26 15.81 17.81 19.69
CA PHE A 26 14.80 16.84 19.27
C PHE A 26 14.12 16.09 20.41
N LYS A 27 14.83 15.89 21.51
CA LYS A 27 14.25 15.20 22.65
C LYS A 27 13.09 16.01 23.25
N LEU A 28 12.92 17.22 22.73
CA LEU A 28 11.85 18.12 23.15
C LEU A 28 10.61 17.96 22.28
N LEU A 29 10.71 17.13 21.24
CA LEU A 29 9.59 16.90 20.35
C LEU A 29 8.97 15.53 20.57
N LYS A 30 7.70 15.42 20.26
CA LYS A 30 6.98 14.16 20.42
C LYS A 30 7.45 13.19 19.33
N ARG A 31 7.92 13.74 18.21
CA ARG A 31 8.41 12.94 17.09
C ARG A 31 9.70 13.52 16.53
N GLN A 32 10.63 12.64 16.17
CA GLN A 32 11.89 13.07 15.61
C GLN A 32 11.90 12.89 14.10
N GLY A 33 10.75 12.52 13.54
CA GLY A 33 10.66 12.35 12.10
C GLY A 33 9.22 12.38 11.61
N PRO A 34 8.99 12.55 10.30
CA PRO A 34 7.64 12.59 9.74
C PRO A 34 6.85 11.31 10.04
N GLY A 35 5.53 11.46 10.21
CA GLY A 35 4.67 10.32 10.48
C GLY A 35 3.36 10.76 11.11
N SER A 36 2.55 9.80 11.56
CA SER A 36 1.27 10.11 12.20
C SER A 36 0.64 8.84 12.75
N PRO A 37 -0.27 8.98 13.71
CA PRO A 37 -0.93 7.80 14.29
C PRO A 37 -1.59 7.00 13.16
N GLU A 38 -2.21 7.72 12.22
CA GLU A 38 -2.89 7.09 11.09
C GLU A 38 -1.93 6.28 10.24
N ALA A 39 -0.76 6.85 9.97
CA ALA A 39 0.24 6.18 9.15
C ALA A 39 0.73 4.87 9.79
N THR A 40 1.03 4.94 11.08
CA THR A 40 1.49 3.77 11.81
C THR A 40 0.37 2.73 11.77
N ARG A 41 -0.87 3.18 11.96
CA ARG A 41 -2.02 2.28 11.97
C ARG A 41 -2.25 1.62 10.59
N LYS A 42 -2.08 2.42 9.53
CA LYS A 42 -2.27 1.91 8.18
C LYS A 42 -1.22 0.86 7.86
N ALA A 43 -0.01 1.06 8.38
CA ALA A 43 1.06 0.10 8.15
C ALA A 43 0.73 -1.22 8.86
N VAL A 44 0.13 -1.13 10.04
CA VAL A 44 -0.25 -2.32 10.78
C VAL A 44 -1.36 -3.12 10.09
N SER A 45 -2.23 -2.44 9.35
CA SER A 45 -3.35 -3.14 8.70
C SER A 45 -2.89 -4.17 7.70
N PHE A 46 -1.60 -4.15 7.36
CA PHE A 46 -1.04 -5.08 6.38
C PHE A 46 -0.32 -6.31 6.94
N ILE A 47 -0.16 -6.36 8.26
CA ILE A 47 0.48 -7.53 8.87
C ILE A 47 -0.59 -8.40 9.51
N ASN A 48 -0.18 -9.55 10.04
CA ASN A 48 -1.13 -10.46 10.68
C ASN A 48 -1.29 -10.12 12.16
N GLU A 49 -2.44 -10.46 12.74
CA GLU A 49 -2.67 -10.18 14.15
C GLU A 49 -1.71 -10.97 15.01
N LEU A 50 -1.15 -10.31 16.01
CA LEU A 50 -0.18 -10.94 16.92
C LEU A 50 -0.80 -11.24 18.27
N THR A 51 -0.07 -11.97 19.11
CA THR A 51 -0.54 -12.33 20.43
C THR A 51 0.34 -11.62 21.45
N ASP A 52 -0.02 -11.75 22.74
CA ASP A 52 0.75 -11.12 23.80
C ASP A 52 2.17 -11.67 23.86
N ASP A 53 2.36 -12.87 23.32
CA ASP A 53 3.67 -13.53 23.32
C ASP A 53 4.55 -13.13 22.15
N ALA A 54 3.97 -12.41 21.19
CA ALA A 54 4.70 -11.94 20.03
C ALA A 54 5.78 -10.95 20.47
N LYS A 55 6.90 -10.95 19.75
CA LYS A 55 8.01 -10.06 20.07
C LYS A 55 8.24 -9.07 18.95
N ILE A 56 8.21 -7.78 19.30
CA ILE A 56 8.40 -6.72 18.32
C ILE A 56 9.61 -5.82 18.65
N ALA A 57 10.22 -5.27 17.61
CA ALA A 57 11.35 -4.36 17.79
C ALA A 57 11.17 -3.13 16.91
N ASP A 58 11.32 -1.94 17.52
CA ASP A 58 11.22 -0.66 16.82
C ASP A 58 12.64 -0.10 16.80
N ILE A 59 13.28 -0.17 15.63
CA ILE A 59 14.65 0.30 15.45
C ILE A 59 14.74 1.78 15.11
N GLY A 60 15.54 2.52 15.89
CA GLY A 60 15.68 3.94 15.67
C GLY A 60 14.43 4.62 16.18
N CYS A 61 13.85 4.03 17.23
CA CYS A 61 12.63 4.50 17.87
C CYS A 61 12.65 5.95 18.35
N GLY A 62 13.84 6.51 18.56
CA GLY A 62 13.93 7.88 19.04
C GLY A 62 13.30 7.94 20.42
N THR A 63 12.43 8.92 20.65
CA THR A 63 11.76 9.04 21.94
C THR A 63 10.57 8.08 22.05
N GLY A 64 10.31 7.33 20.97
CA GLY A 64 9.23 6.36 20.98
C GLY A 64 7.83 6.87 20.64
N GLY A 65 7.73 8.06 20.07
CA GLY A 65 6.44 8.60 19.71
C GLY A 65 5.60 7.62 18.90
N GLN A 66 6.20 7.02 17.87
CA GLN A 66 5.47 6.08 17.04
C GLN A 66 5.38 4.70 17.69
N THR A 67 6.27 4.45 18.65
CA THR A 67 6.25 3.16 19.34
C THR A 67 4.98 3.00 20.17
N LEU A 68 4.50 4.09 20.74
CA LEU A 68 3.28 4.05 21.54
C LEU A 68 2.04 3.91 20.65
N PHE A 69 2.06 4.53 19.47
CA PHE A 69 0.93 4.39 18.55
C PHE A 69 0.87 2.89 18.22
N LEU A 70 2.01 2.33 17.85
CA LEU A 70 2.12 0.92 17.52
C LEU A 70 1.58 0.03 18.65
N ALA A 71 2.02 0.31 19.88
CA ALA A 71 1.57 -0.47 21.03
C ALA A 71 0.04 -0.49 21.13
N ASP A 72 -0.60 0.57 20.66
CA ASP A 72 -2.05 0.68 20.69
C ASP A 72 -2.76 -0.18 19.65
N TYR A 73 -2.05 -0.49 18.56
CA TYR A 73 -2.65 -1.26 17.48
C TYR A 73 -2.25 -2.74 17.43
N VAL A 74 -1.18 -3.10 18.12
CA VAL A 74 -0.74 -4.50 18.13
C VAL A 74 -0.54 -5.06 19.52
N LYS A 75 -0.42 -6.37 19.60
CA LYS A 75 -0.20 -7.07 20.86
C LYS A 75 1.22 -7.60 20.87
N GLY A 76 1.78 -7.84 22.04
CA GLY A 76 3.13 -8.35 22.12
C GLY A 76 4.08 -7.47 22.91
N GLN A 77 5.29 -7.98 23.10
CA GLN A 77 6.30 -7.27 23.86
C GLN A 77 7.13 -6.48 22.87
N ILE A 78 7.11 -5.15 23.01
CA ILE A 78 7.85 -4.27 22.13
C ILE A 78 9.17 -3.83 22.77
N THR A 79 10.23 -3.84 21.96
CA THR A 79 11.54 -3.41 22.42
C THR A 79 12.01 -2.25 21.54
N GLY A 80 12.18 -1.07 22.13
CA GLY A 80 12.65 0.06 21.35
C GLY A 80 14.17 0.10 21.42
N ILE A 81 14.80 0.39 20.29
CA ILE A 81 16.26 0.48 20.21
C ILE A 81 16.67 1.76 19.49
N ASP A 82 17.57 2.51 20.11
CA ASP A 82 18.06 3.76 19.56
C ASP A 82 19.48 3.98 20.03
N LEU A 83 20.25 4.70 19.23
CA LEU A 83 21.65 4.94 19.56
C LEU A 83 21.87 6.00 20.66
N PHE A 84 20.95 6.97 20.74
CA PHE A 84 21.03 8.06 21.70
C PHE A 84 20.36 7.72 23.03
N PRO A 85 21.15 7.47 24.09
CA PRO A 85 20.64 7.12 25.42
C PRO A 85 19.61 8.10 26.00
N ASP A 86 19.80 9.39 25.76
CA ASP A 86 18.87 10.39 26.26
C ASP A 86 17.46 10.14 25.72
N PHE A 87 17.36 9.64 24.48
CA PHE A 87 16.06 9.35 23.87
C PHE A 87 15.40 8.16 24.56
N ILE A 88 16.22 7.17 24.90
CA ILE A 88 15.75 5.97 25.58
C ILE A 88 15.21 6.30 26.96
N GLU A 89 15.86 7.26 27.62
CA GLU A 89 15.41 7.67 28.94
C GLU A 89 13.99 8.22 28.86
N ILE A 90 13.74 9.05 27.84
CA ILE A 90 12.42 9.64 27.65
C ILE A 90 11.44 8.52 27.29
N PHE A 91 11.90 7.65 26.40
CA PHE A 91 11.12 6.50 25.92
C PHE A 91 10.57 5.72 27.11
N ASN A 92 11.45 5.33 28.03
CA ASN A 92 11.03 4.56 29.20
C ASN A 92 10.15 5.39 30.14
N GLU A 93 10.38 6.69 30.19
CA GLU A 93 9.59 7.60 31.01
C GLU A 93 8.17 7.69 30.45
N ASN A 94 8.05 7.68 29.11
CA ASN A 94 6.74 7.78 28.48
C ASN A 94 5.96 6.48 28.62
N ALA A 95 6.68 5.36 28.61
CA ALA A 95 6.05 4.05 28.74
C ALA A 95 5.36 3.97 30.10
N VAL A 96 6.06 4.45 31.13
CA VAL A 96 5.50 4.43 32.46
C VAL A 96 4.25 5.32 32.49
N LYS A 97 4.38 6.56 32.04
CA LYS A 97 3.25 7.49 32.01
C LYS A 97 2.07 6.90 31.23
N ALA A 98 2.39 6.13 30.19
CA ALA A 98 1.37 5.51 29.35
C ALA A 98 0.83 4.20 29.91
N ASN A 99 1.38 3.78 31.05
CA ASN A 99 0.95 2.54 31.68
C ASN A 99 1.15 1.31 30.79
N CYS A 100 2.34 1.17 30.23
CA CYS A 100 2.64 0.04 29.37
C CYS A 100 4.13 -0.25 29.37
N ALA A 101 4.79 0.12 30.46
CA ALA A 101 6.23 -0.08 30.58
C ALA A 101 6.55 -1.54 30.85
N ASP A 102 5.50 -2.33 31.07
CA ASP A 102 5.69 -3.76 31.32
C ASP A 102 5.88 -4.49 29.98
N ARG A 103 5.23 -4.01 28.93
CA ARG A 103 5.35 -4.64 27.61
C ARG A 103 6.13 -3.81 26.59
N VAL A 104 6.35 -2.54 26.89
CA VAL A 104 7.09 -1.65 26.00
C VAL A 104 8.32 -1.10 26.71
N LYS A 105 9.49 -1.62 26.34
CA LYS A 105 10.73 -1.20 26.97
C LYS A 105 11.75 -0.64 25.96
N GLY A 106 12.52 0.34 26.41
CA GLY A 106 13.51 0.94 25.54
C GLY A 106 14.95 0.72 26.00
N ILE A 107 15.84 0.47 25.04
CA ILE A 107 17.25 0.24 25.34
C ILE A 107 18.16 0.84 24.27
N THR A 108 19.32 1.33 24.69
CA THR A 108 20.27 1.91 23.75
C THR A 108 20.94 0.79 22.97
N GLY A 109 21.17 1.00 21.68
CA GLY A 109 21.82 -0.01 20.88
C GLY A 109 22.14 0.54 19.51
N SER A 110 22.92 -0.22 18.73
CA SER A 110 23.29 0.19 17.39
C SER A 110 22.53 -0.62 16.34
N MET A 111 22.21 0.05 15.24
CA MET A 111 21.47 -0.51 14.12
C MET A 111 22.19 -1.65 13.39
N ASP A 112 23.52 -1.62 13.39
CA ASP A 112 24.31 -2.66 12.75
C ASP A 112 24.75 -3.74 13.73
N ASN A 113 24.20 -3.72 14.93
CA ASN A 113 24.55 -4.71 15.94
C ASN A 113 23.38 -4.88 16.93
N LEU A 114 22.26 -5.41 16.41
CA LEU A 114 21.05 -5.62 17.19
C LEU A 114 21.15 -6.75 18.21
N PRO A 115 20.59 -6.54 19.42
CA PRO A 115 20.60 -7.52 20.50
C PRO A 115 19.44 -8.53 20.38
N PHE A 116 19.43 -9.31 19.32
CA PHE A 116 18.39 -10.31 19.13
C PHE A 116 18.98 -11.61 18.60
N GLN A 117 18.20 -12.66 18.68
CA GLN A 117 18.64 -13.95 18.18
C GLN A 117 17.96 -14.20 16.86
N ASN A 118 18.43 -15.20 16.12
CA ASN A 118 17.82 -15.51 14.84
C ASN A 118 16.39 -15.97 14.99
N GLU A 119 15.55 -15.49 14.08
CA GLU A 119 14.13 -15.85 14.08
C GLU A 119 13.50 -15.70 15.44
N GLU A 120 13.80 -14.60 16.12
CA GLU A 120 13.24 -14.33 17.43
C GLU A 120 12.03 -13.41 17.36
N LEU A 121 12.07 -12.46 16.42
CA LEU A 121 11.01 -11.47 16.27
C LEU A 121 9.89 -11.80 15.28
N ASP A 122 8.69 -11.32 15.59
CA ASP A 122 7.52 -11.52 14.74
C ASP A 122 7.35 -10.30 13.84
N LEU A 123 7.85 -9.16 14.32
CA LEU A 123 7.72 -7.91 13.59
C LEU A 123 8.87 -6.93 13.82
N ILE A 124 9.39 -6.36 12.73
CA ILE A 124 10.43 -5.34 12.84
C ILE A 124 9.86 -4.01 12.36
N TRP A 125 9.91 -3.01 13.21
CA TRP A 125 9.38 -1.68 12.91
C TRP A 125 10.50 -0.65 12.94
N SER A 126 10.40 0.34 12.06
CA SER A 126 11.39 1.40 12.00
C SER A 126 10.91 2.56 11.13
N GLU A 127 10.66 3.69 11.77
CA GLU A 127 10.19 4.87 11.05
C GLU A 127 11.28 5.92 10.89
N GLY A 128 11.53 6.30 9.65
CA GLY A 128 12.54 7.30 9.35
C GLY A 128 13.86 7.10 10.06
N ALA A 129 14.36 5.86 10.08
CA ALA A 129 15.62 5.58 10.75
C ALA A 129 16.53 4.62 9.98
N ILE A 130 15.96 3.79 9.12
CA ILE A 130 16.76 2.83 8.36
C ILE A 130 17.83 3.50 7.50
N TYR A 131 17.61 4.77 7.16
CA TYR A 131 18.56 5.50 6.34
C TYR A 131 19.95 5.51 6.98
N ASN A 132 19.99 5.39 8.31
CA ASN A 132 21.27 5.41 9.03
C ASN A 132 22.20 4.24 8.67
N ILE A 133 21.67 3.20 8.04
CA ILE A 133 22.50 2.08 7.61
C ILE A 133 22.23 1.72 6.15
N GLY A 134 21.27 2.41 5.54
CA GLY A 134 20.93 2.15 4.17
C GLY A 134 19.77 1.19 4.05
N PHE A 135 18.83 1.52 3.18
CA PHE A 135 17.65 0.69 2.98
C PHE A 135 18.00 -0.76 2.69
N GLU A 136 18.79 -0.98 1.64
CA GLU A 136 19.19 -2.33 1.25
C GLU A 136 19.92 -3.08 2.34
N ARG A 137 20.93 -2.45 2.92
CA ARG A 137 21.72 -3.08 3.97
C ARG A 137 20.81 -3.48 5.13
N GLY A 138 19.95 -2.57 5.56
CA GLY A 138 19.05 -2.85 6.66
C GLY A 138 18.14 -4.05 6.36
N MET A 139 17.50 -4.01 5.19
CA MET A 139 16.60 -5.09 4.78
C MET A 139 17.25 -6.47 4.89
N ASN A 140 18.49 -6.61 4.40
CA ASN A 140 19.19 -7.89 4.44
C ASN A 140 19.70 -8.31 5.81
N GLU A 141 20.35 -7.39 6.51
CA GLU A 141 20.90 -7.69 7.82
C GLU A 141 19.85 -7.96 8.89
N TRP A 142 18.72 -7.26 8.82
CA TRP A 142 17.66 -7.43 9.81
C TRP A 142 16.83 -8.67 9.57
N SER A 143 16.93 -9.22 8.36
CA SER A 143 16.17 -10.40 8.01
C SER A 143 16.44 -11.58 8.94
N LYS A 144 17.68 -11.69 9.43
CA LYS A 144 18.12 -12.77 10.32
C LYS A 144 17.32 -12.84 11.60
N TYR A 145 16.99 -11.68 12.15
CA TYR A 145 16.26 -11.58 13.42
C TYR A 145 14.77 -11.81 13.30
N LEU A 146 14.28 -11.95 12.08
CA LEU A 146 12.85 -12.13 11.86
C LEU A 146 12.46 -13.58 11.64
N LYS A 147 11.35 -13.99 12.25
CA LYS A 147 10.85 -15.35 12.10
C LYS A 147 10.27 -15.56 10.71
N LYS A 148 10.22 -16.82 10.30
CA LYS A 148 9.65 -17.19 9.00
C LYS A 148 8.21 -16.70 9.02
N GLY A 149 7.81 -15.93 8.02
CA GLY A 149 6.45 -15.41 8.00
C GLY A 149 6.32 -14.12 8.81
N GLY A 150 7.41 -13.72 9.47
CA GLY A 150 7.36 -12.48 10.23
C GLY A 150 7.25 -11.28 9.29
N PHE A 151 7.00 -10.11 9.86
CA PHE A 151 6.85 -8.89 9.07
C PHE A 151 7.84 -7.78 9.39
N ILE A 152 8.11 -6.95 8.39
CA ILE A 152 8.98 -5.81 8.55
C ILE A 152 8.23 -4.59 7.99
N ALA A 153 8.28 -3.48 8.70
CA ALA A 153 7.60 -2.27 8.27
C ALA A 153 8.49 -1.08 8.55
N VAL A 154 8.91 -0.40 7.49
CA VAL A 154 9.78 0.75 7.65
C VAL A 154 9.34 1.87 6.72
N SER A 155 9.53 3.11 7.17
CA SER A 155 9.17 4.28 6.36
C SER A 155 10.51 4.87 5.93
N GLU A 156 10.63 5.14 4.64
CA GLU A 156 11.87 5.66 4.09
C GLU A 156 11.59 6.81 3.12
N ALA A 157 12.57 7.71 2.97
CA ALA A 157 12.42 8.82 2.04
C ALA A 157 12.65 8.26 0.65
N SER A 158 11.74 8.55 -0.29
CA SER A 158 11.85 8.05 -1.66
C SER A 158 11.45 9.09 -2.69
N TRP A 159 11.78 8.80 -3.95
CA TRP A 159 11.44 9.68 -5.05
C TRP A 159 10.09 9.22 -5.59
N PHE A 160 9.24 10.15 -6.00
CA PHE A 160 7.93 9.80 -6.55
C PHE A 160 7.96 9.80 -8.08
N THR A 161 9.03 10.31 -8.66
CA THR A 161 9.16 10.38 -10.11
C THR A 161 10.57 10.00 -10.55
N SER A 162 10.75 9.79 -11.85
CA SER A 162 12.06 9.44 -12.40
C SER A 162 12.95 10.66 -12.58
N GLU A 163 12.35 11.84 -12.70
CA GLU A 163 13.11 13.07 -12.85
C GLU A 163 12.58 14.16 -11.92
N ARG A 164 13.47 14.93 -11.32
CA ARG A 164 13.05 16.02 -10.45
C ARG A 164 14.05 17.17 -10.49
N PRO A 165 13.64 18.35 -10.02
CA PRO A 165 14.51 19.54 -10.00
C PRO A 165 15.87 19.25 -9.36
N ALA A 166 16.88 19.97 -9.82
CA ALA A 166 18.23 19.81 -9.31
C ALA A 166 18.36 20.17 -7.84
N GLU A 167 17.70 21.25 -7.42
CA GLU A 167 17.78 21.70 -6.04
C GLU A 167 17.42 20.63 -5.01
N ILE A 168 16.23 20.04 -5.15
CA ILE A 168 15.81 19.00 -4.20
C ILE A 168 16.75 17.81 -4.28
N GLU A 169 17.14 17.50 -5.51
CA GLU A 169 18.05 16.39 -5.78
C GLU A 169 19.41 16.51 -5.14
N ASP A 170 20.04 17.67 -5.28
CA ASP A 170 21.35 17.89 -4.70
C ASP A 170 21.22 17.73 -3.20
N PHE A 171 20.11 18.19 -2.63
CA PHE A 171 19.93 18.07 -1.19
C PHE A 171 19.95 16.61 -0.74
N TRP A 172 19.10 15.79 -1.33
CA TRP A 172 19.04 14.39 -0.95
C TRP A 172 20.27 13.58 -1.32
N MET A 173 20.84 13.82 -2.49
CA MET A 173 22.03 13.08 -2.89
C MET A 173 23.19 13.39 -1.96
N ASP A 174 23.02 14.44 -1.15
CA ASP A 174 24.05 14.83 -0.19
C ASP A 174 23.72 14.30 1.20
N ALA A 175 22.46 14.45 1.60
CA ALA A 175 22.02 14.00 2.91
C ALA A 175 21.86 12.49 2.95
N TYR A 176 21.19 11.93 1.95
CA TYR A 176 20.94 10.50 1.88
C TYR A 176 21.04 10.02 0.43
N PRO A 177 22.25 9.66 0.00
CA PRO A 177 22.51 9.20 -1.36
C PRO A 177 21.75 7.95 -1.78
N GLU A 178 21.39 7.10 -0.82
CA GLU A 178 20.66 5.88 -1.13
C GLU A 178 19.21 6.11 -1.53
N ILE A 179 18.72 7.34 -1.40
CA ILE A 179 17.34 7.64 -1.77
C ILE A 179 17.12 7.17 -3.21
N SER A 180 15.93 6.64 -3.49
CA SER A 180 15.59 6.13 -4.81
C SER A 180 14.09 6.12 -5.09
N VAL A 181 13.73 5.69 -6.29
CA VAL A 181 12.32 5.61 -6.65
C VAL A 181 11.70 4.40 -5.95
N ILE A 182 10.39 4.45 -5.76
CA ILE A 182 9.67 3.38 -5.10
C ILE A 182 9.96 1.99 -5.70
N PRO A 183 9.90 1.86 -7.04
CA PRO A 183 10.16 0.56 -7.67
C PRO A 183 11.47 -0.10 -7.18
N THR A 184 12.52 0.70 -7.05
CA THR A 184 13.83 0.21 -6.61
C THR A 184 13.78 -0.29 -5.17
N CYS A 185 13.08 0.44 -4.31
CA CYS A 185 12.96 0.03 -2.93
C CYS A 185 12.29 -1.34 -2.82
N ILE A 186 11.25 -1.55 -3.62
CA ILE A 186 10.53 -2.82 -3.60
C ILE A 186 11.40 -3.94 -4.17
N ASP A 187 12.20 -3.62 -5.18
CA ASP A 187 13.09 -4.59 -5.78
C ASP A 187 14.04 -5.17 -4.74
N LYS A 188 14.60 -4.29 -3.90
CA LYS A 188 15.53 -4.69 -2.85
C LYS A 188 14.87 -5.57 -1.80
N MET A 189 13.57 -5.37 -1.58
CA MET A 189 12.85 -6.16 -0.61
C MET A 189 12.80 -7.60 -1.08
N GLU A 190 12.52 -7.78 -2.36
CA GLU A 190 12.44 -9.12 -2.95
C GLU A 190 13.80 -9.80 -2.83
N ARG A 191 14.85 -9.09 -3.24
CA ARG A 191 16.21 -9.61 -3.18
C ARG A 191 16.56 -9.97 -1.75
N ALA A 192 15.96 -9.26 -0.80
CA ALA A 192 16.23 -9.53 0.61
C ALA A 192 15.39 -10.71 1.12
N GLY A 193 14.57 -11.28 0.25
CA GLY A 193 13.75 -12.41 0.65
C GLY A 193 12.41 -12.06 1.32
N TYR A 194 11.89 -10.88 1.00
CA TYR A 194 10.62 -10.43 1.55
C TYR A 194 9.57 -10.41 0.46
N THR A 195 8.35 -10.79 0.82
CA THR A 195 7.26 -10.71 -0.13
C THR A 195 6.80 -9.26 -0.01
N PRO A 196 6.78 -8.49 -1.12
CA PRO A 196 6.36 -7.07 -1.10
C PRO A 196 4.89 -6.87 -0.80
N THR A 197 4.50 -7.15 0.44
CA THR A 197 3.12 -7.03 0.88
C THR A 197 2.42 -5.73 0.48
N ALA A 198 3.05 -4.61 0.80
CA ALA A 198 2.46 -3.32 0.47
C ALA A 198 3.38 -2.12 0.68
N HIS A 199 2.95 -0.98 0.13
CA HIS A 199 3.66 0.28 0.27
C HIS A 199 2.64 1.39 0.09
N PHE A 200 2.90 2.52 0.73
CA PHE A 200 2.04 3.68 0.57
C PHE A 200 2.79 4.94 0.96
N ILE A 201 2.48 6.03 0.27
CA ILE A 201 3.10 7.33 0.52
C ILE A 201 2.37 7.96 1.71
N LEU A 202 3.15 8.42 2.68
CA LEU A 202 2.59 9.07 3.87
C LEU A 202 1.95 10.40 3.48
N PRO A 203 0.74 10.67 3.96
CA PRO A 203 0.03 11.93 3.66
C PRO A 203 0.89 13.11 4.08
N GLU A 204 0.67 14.26 3.44
CA GLU A 204 1.45 15.44 3.75
C GLU A 204 1.36 15.88 5.20
N ASN A 205 0.22 15.66 5.83
CA ASN A 205 0.04 16.07 7.22
C ASN A 205 1.08 15.39 8.13
N CYS A 206 1.66 14.29 7.67
CA CYS A 206 2.68 13.61 8.46
C CYS A 206 3.93 14.49 8.57
N TRP A 207 4.09 15.40 7.60
CA TRP A 207 5.22 16.32 7.59
C TRP A 207 4.91 17.64 8.26
N THR A 208 3.85 18.30 7.79
CA THR A 208 3.46 19.61 8.32
C THR A 208 2.90 19.60 9.74
N GLU A 209 1.76 18.94 9.93
CA GLU A 209 1.13 18.88 11.24
C GLU A 209 1.91 18.14 12.34
N HIS A 210 2.45 16.99 11.99
CA HIS A 210 3.15 16.16 12.96
C HIS A 210 4.67 16.29 13.02
N TYR A 211 5.26 17.04 12.10
CA TYR A 211 6.71 17.19 12.12
C TYR A 211 7.17 18.65 12.12
N PHE A 212 6.68 19.44 11.17
CA PHE A 212 7.07 20.84 11.09
C PHE A 212 6.37 21.75 12.11
N ALA A 213 5.05 21.63 12.21
CA ALA A 213 4.27 22.45 13.13
C ALA A 213 4.80 22.40 14.56
N PRO A 214 5.05 21.19 15.08
CA PRO A 214 5.56 21.01 16.44
C PRO A 214 6.87 21.75 16.68
N GLN A 215 7.67 21.92 15.63
CA GLN A 215 8.94 22.61 15.74
C GLN A 215 8.77 24.13 15.77
N ASP A 216 7.69 24.63 15.17
CA ASP A 216 7.44 26.06 15.15
C ASP A 216 7.04 26.52 16.54
N GLU A 217 6.31 25.67 17.25
CA GLU A 217 5.86 25.99 18.60
C GLU A 217 7.02 26.40 19.50
N VAL A 218 8.08 25.60 19.51
CA VAL A 218 9.26 25.86 20.35
C VAL A 218 10.28 26.74 19.67
N ARG A 219 9.93 27.28 18.51
CA ARG A 219 10.84 28.12 17.74
C ARG A 219 11.11 29.47 18.40
N GLU A 220 10.18 29.95 19.23
CA GLU A 220 10.38 31.25 19.86
C GLU A 220 11.22 31.16 21.11
N THR A 221 10.98 30.15 21.92
CA THR A 221 11.76 29.98 23.13
C THR A 221 13.18 29.66 22.68
N PHE A 222 13.29 28.90 21.60
CA PHE A 222 14.59 28.52 21.07
C PHE A 222 15.32 29.75 20.55
N MET A 223 14.60 30.61 19.84
CA MET A 223 15.18 31.83 19.28
C MET A 223 15.71 32.77 20.37
N LYS A 224 15.07 32.75 21.54
CA LYS A 224 15.50 33.61 22.63
C LYS A 224 16.72 33.09 23.35
N GLU A 225 16.84 31.78 23.45
CA GLU A 225 17.96 31.19 24.16
C GLU A 225 19.25 31.05 23.35
N HIS A 226 19.11 30.78 22.05
CA HIS A 226 20.27 30.59 21.19
C HIS A 226 20.47 31.72 20.19
N ALA A 227 19.73 32.81 20.37
CA ALA A 227 19.82 33.95 19.47
C ALA A 227 21.25 34.45 19.22
N GLY A 228 22.09 34.39 20.25
CA GLY A 228 23.46 34.86 20.11
C GLY A 228 24.49 33.81 19.79
N ASN A 229 24.05 32.61 19.44
CA ASN A 229 24.98 31.53 19.13
C ASN A 229 24.93 31.10 17.66
N LYS A 230 26.02 31.38 16.94
CA LYS A 230 26.14 31.06 15.53
C LYS A 230 25.74 29.62 15.19
N THR A 231 26.48 28.62 15.67
CA THR A 231 26.17 27.22 15.39
C THR A 231 24.69 26.91 15.58
N ALA A 232 24.11 27.40 16.66
CA ALA A 232 22.70 27.15 16.94
C ALA A 232 21.80 27.78 15.89
N MET A 233 22.08 29.04 15.58
CA MET A 233 21.29 29.76 14.58
C MET A 233 21.40 29.10 13.23
N ASP A 234 22.58 28.59 12.90
CA ASP A 234 22.77 27.92 11.62
C ASP A 234 21.84 26.72 11.56
N PHE A 235 21.79 25.97 12.65
CA PHE A 235 20.93 24.78 12.73
C PHE A 235 19.51 25.18 12.39
N MET A 236 19.12 26.37 12.84
CA MET A 236 17.79 26.88 12.59
C MET A 236 17.56 27.11 11.10
N LYS A 237 18.53 27.74 10.42
CA LYS A 237 18.43 27.98 8.98
C LYS A 237 18.21 26.65 8.28
N GLY A 238 18.86 25.61 8.80
CA GLY A 238 18.73 24.29 8.21
C GLY A 238 17.30 23.79 8.33
N GLN A 239 16.77 23.83 9.55
CA GLN A 239 15.41 23.37 9.79
C GLN A 239 14.45 24.12 8.87
N GLN A 240 14.65 25.42 8.76
CA GLN A 240 13.80 26.25 7.90
C GLN A 240 13.96 25.88 6.43
N TYR A 241 15.18 25.56 6.03
CA TYR A 241 15.44 25.18 4.64
C TYR A 241 14.75 23.86 4.28
N GLU A 242 14.60 22.97 5.27
CA GLU A 242 13.94 21.70 5.05
C GLU A 242 12.47 21.93 4.74
N ARG A 243 11.84 22.82 5.50
CA ARG A 243 10.43 23.13 5.28
C ARG A 243 10.25 23.72 3.91
N SER A 244 11.20 24.56 3.50
CA SER A 244 11.13 25.19 2.19
C SER A 244 11.20 24.16 1.08
N LEU A 245 12.14 23.23 1.21
CA LEU A 245 12.29 22.20 0.20
C LEU A 245 11.00 21.39 0.09
N TYR A 246 10.42 21.04 1.25
CA TYR A 246 9.19 20.25 1.26
C TYR A 246 8.02 21.05 0.70
N SER A 247 7.90 22.29 1.14
CA SER A 247 6.81 23.14 0.68
C SER A 247 7.04 23.66 -0.73
N LYS A 248 7.81 22.92 -1.52
CA LYS A 248 8.11 23.33 -2.89
C LYS A 248 8.41 22.12 -3.77
N TYR A 249 8.75 20.99 -3.14
CA TYR A 249 9.08 19.79 -3.89
C TYR A 249 8.32 18.58 -3.39
N LYS A 250 7.34 18.80 -2.53
CA LYS A 250 6.53 17.72 -1.97
C LYS A 250 5.97 16.77 -3.05
N ASP A 251 5.85 17.26 -4.28
CA ASP A 251 5.32 16.40 -5.34
C ASP A 251 6.40 15.52 -5.92
N TYR A 252 7.66 15.75 -5.56
CA TYR A 252 8.77 14.97 -6.07
C TYR A 252 9.40 13.99 -5.08
N TYR A 253 9.01 14.08 -3.82
CA TYR A 253 9.58 13.19 -2.82
C TYR A 253 8.76 13.20 -1.53
N GLY A 254 9.14 12.33 -0.61
CA GLY A 254 8.44 12.24 0.66
C GLY A 254 8.75 10.93 1.35
N TYR A 255 8.06 10.66 2.45
CA TYR A 255 8.28 9.40 3.17
C TYR A 255 7.34 8.34 2.62
N VAL A 256 7.84 7.11 2.56
CA VAL A 256 7.06 5.97 2.06
C VAL A 256 7.15 4.79 3.03
N PHE A 257 6.01 4.18 3.32
CA PHE A 257 5.96 3.03 4.20
C PHE A 257 6.05 1.75 3.36
N TYR A 258 7.02 0.90 3.68
CA TYR A 258 7.22 -0.36 2.98
C TYR A 258 6.95 -1.49 3.96
N ILE A 259 6.12 -2.42 3.55
CA ILE A 259 5.78 -3.55 4.41
C ILE A 259 6.11 -4.83 3.67
N GLY A 260 6.81 -5.75 4.34
CA GLY A 260 7.15 -7.01 3.70
C GLY A 260 7.11 -8.19 4.67
N GLN A 261 6.87 -9.39 4.14
CA GLN A 261 6.81 -10.58 4.96
C GLN A 261 7.96 -11.51 4.56
N LYS A 262 8.77 -11.89 5.55
CA LYS A 262 9.91 -12.78 5.30
C LYS A 262 9.46 -14.15 4.78
N ARG A 263 9.98 -14.54 3.62
CA ARG A 263 9.63 -15.82 3.02
C ARG A 263 10.41 -16.99 3.62
N PHE B 19 -17.21 -16.91 -25.57
CA PHE B 19 -17.78 -16.91 -24.18
C PHE B 19 -19.31 -17.08 -24.22
N SER B 20 -19.77 -18.14 -24.89
CA SER B 20 -21.20 -18.40 -24.99
C SER B 20 -21.83 -18.60 -23.62
N PHE B 21 -21.81 -19.85 -23.13
CA PHE B 21 -22.40 -20.17 -21.82
C PHE B 21 -21.41 -19.81 -20.71
N ILE B 22 -20.22 -19.36 -21.10
CA ILE B 22 -19.19 -18.99 -20.14
C ILE B 22 -19.66 -17.77 -19.34
N CYS B 23 -20.25 -16.81 -20.03
CA CYS B 23 -20.73 -15.61 -19.39
C CYS B 23 -22.03 -15.84 -18.65
N ASN B 24 -22.82 -16.83 -19.08
CA ASN B 24 -24.07 -17.12 -18.40
C ASN B 24 -23.74 -17.85 -17.09
N TYR B 25 -22.53 -18.39 -17.02
CA TYR B 25 -22.08 -19.09 -15.83
C TYR B 25 -21.68 -18.09 -14.74
N PHE B 26 -20.88 -17.10 -15.12
CA PHE B 26 -20.40 -16.08 -14.20
C PHE B 26 -21.47 -15.12 -13.71
N LYS B 27 -22.49 -14.87 -14.53
CA LYS B 27 -23.56 -13.96 -14.12
C LYS B 27 -24.31 -14.55 -12.92
N LEU B 28 -23.98 -15.80 -12.58
CA LEU B 28 -24.59 -16.51 -11.46
C LEU B 28 -23.78 -16.32 -10.17
N LEU B 29 -22.65 -15.63 -10.29
CA LEU B 29 -21.80 -15.39 -9.12
C LEU B 29 -21.88 -13.94 -8.67
N LYS B 30 -21.63 -13.72 -7.39
CA LYS B 30 -21.67 -12.37 -6.82
C LYS B 30 -20.44 -11.59 -7.30
N ARG B 31 -19.38 -12.34 -7.63
CA ARG B 31 -18.13 -11.76 -8.11
C ARG B 31 -17.57 -12.56 -9.29
N GLN B 32 -17.03 -11.85 -10.28
CA GLN B 32 -16.46 -12.49 -11.45
C GLN B 32 -14.93 -12.51 -11.36
N GLY B 33 -14.41 -12.06 -10.22
CA GLY B 33 -12.97 -12.05 -10.03
C GLY B 33 -12.58 -11.97 -8.56
N PRO B 34 -11.32 -12.30 -8.22
CA PRO B 34 -10.86 -12.25 -6.84
C PRO B 34 -11.04 -10.87 -6.20
N GLY B 35 -11.32 -10.85 -4.91
CA GLY B 35 -11.52 -9.59 -4.22
C GLY B 35 -12.25 -9.77 -2.90
N SER B 36 -12.64 -8.68 -2.26
CA SER B 36 -13.36 -8.75 -0.99
C SER B 36 -13.78 -7.36 -0.56
N PRO B 37 -14.80 -7.26 0.30
CA PRO B 37 -15.25 -5.94 0.78
C PRO B 37 -14.06 -5.23 1.44
N GLU B 38 -13.27 -5.99 2.21
CA GLU B 38 -12.12 -5.43 2.90
C GLU B 38 -11.09 -4.86 1.93
N ALA B 39 -10.84 -5.59 0.85
CA ALA B 39 -9.87 -5.14 -0.15
C ALA B 39 -10.29 -3.84 -0.82
N THR B 40 -11.56 -3.77 -1.22
CA THR B 40 -12.08 -2.57 -1.86
C THR B 40 -11.99 -1.43 -0.86
N ARG B 41 -12.35 -1.71 0.40
CA ARG B 41 -12.28 -0.69 1.44
C ARG B 41 -10.84 -0.21 1.71
N LYS B 42 -9.89 -1.13 1.69
CA LYS B 42 -8.49 -0.77 1.93
C LYS B 42 -7.97 0.11 0.80
N ALA B 43 -8.44 -0.15 -0.41
CA ALA B 43 -8.01 0.62 -1.55
C ALA B 43 -8.53 2.05 -1.43
N VAL B 44 -9.75 2.19 -0.89
CA VAL B 44 -10.36 3.51 -0.71
C VAL B 44 -9.65 4.35 0.34
N SER B 45 -9.08 3.68 1.34
CA SER B 45 -8.40 4.39 2.42
C SER B 45 -7.22 5.23 1.92
N PHE B 46 -6.81 5.01 0.67
CA PHE B 46 -5.70 5.75 0.10
C PHE B 46 -6.05 6.94 -0.79
N ILE B 47 -7.33 7.15 -1.05
CA ILE B 47 -7.74 8.29 -1.86
C ILE B 47 -8.31 9.37 -0.95
N ASN B 48 -8.66 10.52 -1.51
CA ASN B 48 -9.22 11.61 -0.72
C ASN B 48 -10.75 11.49 -0.66
N GLU B 49 -11.34 12.01 0.41
CA GLU B 49 -12.80 11.97 0.56
C GLU B 49 -13.49 12.74 -0.55
N LEU B 50 -14.52 12.13 -1.14
CA LEU B 50 -15.26 12.74 -2.22
C LEU B 50 -16.59 13.29 -1.72
N THR B 51 -17.28 14.03 -2.59
CA THR B 51 -18.58 14.61 -2.30
C THR B 51 -19.64 13.94 -3.17
N ASP B 52 -20.90 14.27 -2.93
CA ASP B 52 -22.00 13.71 -3.70
C ASP B 52 -21.90 14.08 -5.17
N ASP B 53 -21.18 15.17 -5.45
CA ASP B 53 -21.00 15.65 -6.82
C ASP B 53 -19.83 15.00 -7.54
N ALA B 54 -19.03 14.22 -6.80
CA ALA B 54 -17.90 13.55 -7.41
C ALA B 54 -18.40 12.51 -8.40
N LYS B 55 -17.63 12.28 -9.46
CA LYS B 55 -18.01 11.31 -10.47
C LYS B 55 -17.02 10.16 -10.49
N ILE B 56 -17.53 8.95 -10.36
CA ILE B 56 -16.69 7.75 -10.36
C ILE B 56 -17.06 6.79 -11.47
N ALA B 57 -16.09 6.01 -11.92
CA ALA B 57 -16.31 5.02 -12.96
C ALA B 57 -15.63 3.70 -12.59
N ASP B 58 -16.39 2.60 -12.67
CA ASP B 58 -15.86 1.27 -12.37
C ASP B 58 -15.83 0.55 -13.71
N ILE B 59 -14.64 0.38 -14.26
CA ILE B 59 -14.45 -0.25 -15.57
C ILE B 59 -14.30 -1.77 -15.47
N GLY B 60 -15.11 -2.48 -16.24
CA GLY B 60 -15.05 -3.93 -16.20
C GLY B 60 -15.74 -4.39 -14.94
N CYS B 61 -16.72 -3.60 -14.50
CA CYS B 61 -17.49 -3.86 -13.30
C CYS B 61 -18.16 -5.22 -13.19
N GLY B 62 -18.39 -5.88 -14.33
CA GLY B 62 -19.05 -7.16 -14.30
C GLY B 62 -20.46 -6.98 -13.77
N THR B 63 -20.86 -7.82 -12.81
CA THR B 63 -22.19 -7.70 -12.22
C THR B 63 -22.23 -6.59 -11.16
N GLY B 64 -21.09 -5.98 -10.90
CA GLY B 64 -21.02 -4.88 -9.94
C GLY B 64 -20.84 -5.24 -8.48
N GLY B 65 -20.43 -6.48 -8.22
CA GLY B 65 -20.23 -6.91 -6.85
C GLY B 65 -19.36 -5.95 -6.05
N GLN B 66 -18.21 -5.58 -6.63
CA GLN B 66 -17.31 -4.66 -5.94
C GLN B 66 -17.79 -3.20 -6.06
N THR B 67 -18.64 -2.92 -7.03
CA THR B 67 -19.16 -1.57 -7.22
C THR B 67 -20.05 -1.16 -6.05
N LEU B 68 -20.78 -2.12 -5.49
CA LEU B 68 -21.65 -1.83 -4.36
C LEU B 68 -20.82 -1.66 -3.09
N PHE B 69 -19.74 -2.42 -2.93
CA PHE B 69 -18.89 -2.25 -1.75
C PHE B 69 -18.36 -0.81 -1.82
N LEU B 70 -17.87 -0.45 -3.00
CA LEU B 70 -17.33 0.89 -3.23
C LEU B 70 -18.38 1.97 -2.89
N ALA B 71 -19.60 1.80 -3.38
CA ALA B 71 -20.66 2.77 -3.11
C ALA B 71 -20.88 2.99 -1.62
N ASP B 72 -20.57 1.97 -0.82
CA ASP B 72 -20.72 2.05 0.62
C ASP B 72 -19.61 2.85 1.29
N TYR B 73 -18.44 2.91 0.66
CA TYR B 73 -17.30 3.60 1.23
C TYR B 73 -17.02 5.00 0.69
N VAL B 74 -17.60 5.33 -0.45
CA VAL B 74 -17.38 6.65 -1.03
C VAL B 74 -18.68 7.34 -1.41
N LYS B 75 -18.58 8.64 -1.66
CA LYS B 75 -19.71 9.45 -2.06
C LYS B 75 -19.54 9.79 -3.53
N GLY B 76 -20.64 10.12 -4.20
CA GLY B 76 -20.55 10.47 -5.61
C GLY B 76 -21.37 9.59 -6.52
N GLN B 77 -21.45 10.01 -7.78
CA GLN B 77 -22.21 9.27 -8.76
C GLN B 77 -21.29 8.25 -9.42
N ILE B 78 -21.62 6.98 -9.26
CA ILE B 78 -20.81 5.90 -9.85
C ILE B 78 -21.43 5.41 -11.16
N THR B 79 -20.57 5.17 -12.14
CA THR B 79 -21.00 4.66 -13.43
C THR B 79 -20.27 3.35 -13.70
N GLY B 80 -21.00 2.26 -13.79
CA GLY B 80 -20.36 0.98 -14.06
C GLY B 80 -20.31 0.75 -15.56
N ILE B 81 -19.19 0.26 -16.06
CA ILE B 81 -19.04 -0.01 -17.50
C ILE B 81 -18.49 -1.42 -17.71
N ASP B 82 -19.15 -2.17 -18.58
CA ASP B 82 -18.74 -3.53 -18.89
C ASP B 82 -19.15 -3.87 -20.31
N LEU B 83 -18.42 -4.79 -20.93
CA LEU B 83 -18.69 -5.15 -22.31
C LEU B 83 -19.91 -6.06 -22.48
N PHE B 84 -20.16 -6.89 -21.49
CA PHE B 84 -21.26 -7.86 -21.52
C PHE B 84 -22.57 -7.27 -21.01
N PRO B 85 -23.54 -6.99 -21.90
CA PRO B 85 -24.84 -6.42 -21.53
C PRO B 85 -25.60 -7.18 -20.44
N ASP B 86 -25.51 -8.50 -20.48
CA ASP B 86 -26.19 -9.32 -19.48
C ASP B 86 -25.71 -8.96 -18.08
N PHE B 87 -24.43 -8.62 -17.94
CA PHE B 87 -23.87 -8.26 -16.63
C PHE B 87 -24.45 -6.92 -16.18
N ILE B 88 -24.60 -5.99 -17.11
CA ILE B 88 -25.14 -4.67 -16.82
C ILE B 88 -26.60 -4.77 -16.37
N GLU B 89 -27.32 -5.73 -16.93
CA GLU B 89 -28.71 -5.89 -16.57
C GLU B 89 -28.79 -6.28 -15.09
N ILE B 90 -27.93 -7.20 -14.68
CA ILE B 90 -27.89 -7.64 -13.29
C ILE B 90 -27.41 -6.46 -12.42
N PHE B 91 -26.40 -5.77 -12.91
CA PHE B 91 -25.83 -4.62 -12.22
C PHE B 91 -26.92 -3.62 -11.83
N ASN B 92 -27.75 -3.24 -12.81
CA ASN B 92 -28.82 -2.27 -12.57
C ASN B 92 -29.92 -2.84 -11.68
N GLU B 93 -30.13 -4.16 -11.78
CA GLU B 93 -31.12 -4.85 -10.95
C GLU B 93 -30.66 -4.87 -9.49
N ASN B 94 -29.35 -5.01 -9.28
CA ASN B 94 -28.82 -5.03 -7.92
C ASN B 94 -28.84 -3.63 -7.31
N ALA B 95 -28.60 -2.62 -8.14
CA ALA B 95 -28.59 -1.24 -7.67
C ALA B 95 -29.96 -0.89 -7.11
N VAL B 96 -31.01 -1.33 -7.80
CA VAL B 96 -32.38 -1.07 -7.37
C VAL B 96 -32.59 -1.79 -6.03
N LYS B 97 -32.32 -3.09 -6.01
CA LYS B 97 -32.48 -3.87 -4.78
C LYS B 97 -31.69 -3.25 -3.62
N ALA B 98 -30.54 -2.66 -3.94
CA ALA B 98 -29.69 -2.04 -2.93
C ALA B 98 -30.10 -0.62 -2.58
N ASN B 99 -31.13 -0.12 -3.27
CA ASN B 99 -31.63 1.22 -3.01
C ASN B 99 -30.57 2.30 -3.26
N CYS B 100 -29.91 2.23 -4.42
CA CYS B 100 -28.89 3.21 -4.77
C CYS B 100 -28.75 3.31 -6.28
N ALA B 101 -29.82 2.98 -6.98
CA ALA B 101 -29.83 3.04 -8.44
C ALA B 101 -29.87 4.48 -8.92
N ASP B 102 -30.06 5.40 -7.98
CA ASP B 102 -30.10 6.81 -8.34
C ASP B 102 -28.68 7.36 -8.53
N ARG B 103 -27.74 6.83 -7.75
CA ARG B 103 -26.34 7.28 -7.83
C ARG B 103 -25.42 6.24 -8.45
N VAL B 104 -25.86 4.99 -8.51
CA VAL B 104 -25.05 3.92 -9.08
C VAL B 104 -25.74 3.32 -10.31
N LYS B 105 -25.24 3.65 -11.49
CA LYS B 105 -25.83 3.17 -12.74
C LYS B 105 -24.85 2.36 -13.60
N GLY B 106 -25.39 1.37 -14.31
CA GLY B 106 -24.54 0.54 -15.15
C GLY B 106 -24.86 0.66 -16.63
N ILE B 107 -23.82 0.67 -17.47
CA ILE B 107 -24.01 0.76 -18.91
C ILE B 107 -22.97 -0.08 -19.67
N THR B 108 -23.38 -0.65 -20.81
CA THR B 108 -22.48 -1.46 -21.61
C THR B 108 -21.52 -0.52 -22.34
N GLY B 109 -20.27 -0.92 -22.44
CA GLY B 109 -19.28 -0.10 -23.11
C GLY B 109 -17.99 -0.85 -23.28
N SER B 110 -17.07 -0.28 -24.06
CA SER B 110 -15.79 -0.91 -24.28
C SER B 110 -14.69 -0.16 -23.53
N MET B 111 -13.71 -0.94 -23.06
CA MET B 111 -12.58 -0.43 -22.31
C MET B 111 -11.66 0.51 -23.10
N ASP B 112 -11.58 0.31 -24.41
CA ASP B 112 -10.76 1.17 -25.25
C ASP B 112 -11.55 2.32 -25.88
N ASN B 113 -12.77 2.52 -25.42
CA ASN B 113 -13.63 3.58 -25.93
C ASN B 113 -14.64 4.01 -24.87
N LEU B 114 -14.12 4.61 -23.79
CA LEU B 114 -14.92 5.04 -22.67
C LEU B 114 -15.76 6.28 -22.95
N PRO B 115 -17.02 6.29 -22.49
CA PRO B 115 -17.96 7.40 -22.69
C PRO B 115 -17.78 8.50 -21.65
N PHE B 116 -16.63 9.15 -21.66
CA PHE B 116 -16.38 10.23 -20.72
C PHE B 116 -15.65 11.36 -21.41
N GLN B 117 -15.62 12.51 -20.77
CA GLN B 117 -14.91 13.66 -21.31
C GLN B 117 -13.62 13.80 -20.54
N ASN B 118 -12.72 14.64 -21.04
CA ASN B 118 -11.45 14.86 -20.38
C ASN B 118 -11.63 15.50 -19.03
N GLU B 119 -10.85 15.02 -18.07
CA GLU B 119 -10.89 15.55 -16.72
C GLU B 119 -12.32 15.65 -16.18
N GLU B 120 -13.10 14.60 -16.39
CA GLU B 120 -14.47 14.57 -15.91
C GLU B 120 -14.59 13.79 -14.60
N LEU B 121 -13.81 12.73 -14.48
CA LEU B 121 -13.86 11.86 -13.31
C LEU B 121 -12.90 12.19 -12.17
N ASP B 122 -13.36 11.90 -10.94
CA ASP B 122 -12.56 12.12 -9.73
C ASP B 122 -11.85 10.82 -9.36
N LEU B 123 -12.46 9.71 -9.77
CA LEU B 123 -11.92 8.40 -9.45
C LEU B 123 -12.20 7.32 -10.50
N ILE B 124 -11.17 6.56 -10.85
CA ILE B 124 -11.34 5.46 -11.79
C ILE B 124 -11.08 4.17 -11.04
N TRP B 125 -12.06 3.27 -11.06
CA TRP B 125 -11.96 1.99 -10.37
C TRP B 125 -12.05 0.83 -11.36
N SER B 126 -11.34 -0.24 -11.08
CA SER B 126 -11.36 -1.40 -11.95
C SER B 126 -10.69 -2.60 -11.26
N GLU B 127 -11.49 -3.59 -10.95
CA GLU B 127 -10.98 -4.78 -10.28
C GLU B 127 -10.91 -5.96 -11.23
N GLY B 128 -9.71 -6.52 -11.36
CA GLY B 128 -9.51 -7.67 -12.23
C GLY B 128 -10.08 -7.54 -13.62
N ALA B 129 -9.90 -6.39 -14.24
CA ALA B 129 -10.42 -6.17 -15.58
C ALA B 129 -9.46 -5.45 -16.52
N ILE B 130 -8.53 -4.67 -15.97
CA ILE B 130 -7.61 -3.91 -16.80
C ILE B 130 -6.78 -4.80 -17.73
N TYR B 131 -6.65 -6.07 -17.36
CA TYR B 131 -5.87 -7.00 -18.16
C TYR B 131 -6.42 -7.09 -19.58
N ASN B 132 -7.71 -6.83 -19.75
CA ASN B 132 -8.34 -6.90 -21.05
C ASN B 132 -7.76 -5.92 -22.08
N ILE B 133 -7.05 -4.89 -21.63
CA ILE B 133 -6.43 -3.93 -22.55
C ILE B 133 -4.97 -3.74 -22.20
N GLY B 134 -4.52 -4.38 -21.12
CA GLY B 134 -3.13 -4.25 -20.73
C GLY B 134 -2.97 -3.19 -19.66
N PHE B 135 -2.18 -3.51 -18.65
CA PHE B 135 -1.95 -2.58 -17.54
C PHE B 135 -1.44 -1.23 -18.02
N GLU B 136 -0.34 -1.24 -18.77
CA GLU B 136 0.26 -0.01 -19.27
C GLU B 136 -0.67 0.79 -20.17
N ARG B 137 -1.30 0.11 -21.12
CA ARG B 137 -2.18 0.78 -22.05
C ARG B 137 -3.33 1.44 -21.28
N GLY B 138 -3.95 0.68 -20.39
CA GLY B 138 -5.03 1.21 -19.60
C GLY B 138 -4.62 2.44 -18.81
N MET B 139 -3.49 2.34 -18.10
CA MET B 139 -3.00 3.45 -17.29
C MET B 139 -2.88 4.77 -18.07
N ASN B 140 -2.30 4.70 -19.27
CA ASN B 140 -2.12 5.88 -20.10
C ASN B 140 -3.40 6.40 -20.76
N GLU B 141 -4.14 5.50 -21.37
CA GLU B 141 -5.38 5.88 -22.06
C GLU B 141 -6.46 6.40 -21.14
N TRP B 142 -6.57 5.85 -19.93
CA TRP B 142 -7.60 6.27 -18.99
C TRP B 142 -7.25 7.56 -18.29
N SER B 143 -5.99 7.96 -18.36
CA SER B 143 -5.53 9.17 -17.70
C SER B 143 -6.26 10.42 -18.16
N LYS B 144 -6.65 10.44 -19.44
CA LYS B 144 -7.35 11.56 -20.05
C LYS B 144 -8.67 11.90 -19.35
N TYR B 145 -9.39 10.85 -18.95
CA TYR B 145 -10.69 10.99 -18.31
C TYR B 145 -10.63 11.38 -16.83
N LEU B 146 -9.44 11.41 -16.27
CA LEU B 146 -9.29 11.72 -14.86
C LEU B 146 -8.90 13.17 -14.61
N LYS B 147 -9.51 13.78 -13.59
CA LYS B 147 -9.21 15.16 -13.25
C LYS B 147 -7.83 15.25 -12.59
N LYS B 148 -7.25 16.44 -12.64
CA LYS B 148 -5.95 16.72 -12.02
C LYS B 148 -6.14 16.44 -10.53
N GLY B 149 -5.30 15.59 -9.97
CA GLY B 149 -5.44 15.26 -8.57
C GLY B 149 -6.40 14.09 -8.37
N GLY B 150 -7.06 13.66 -9.44
CA GLY B 150 -7.97 12.53 -9.33
C GLY B 150 -7.22 11.24 -9.05
N PHE B 151 -7.95 10.19 -8.68
CA PHE B 151 -7.33 8.91 -8.34
C PHE B 151 -7.73 7.73 -9.22
N ILE B 152 -6.84 6.76 -9.32
CA ILE B 152 -7.09 5.54 -10.08
C ILE B 152 -6.73 4.37 -9.17
N ALA B 153 -7.62 3.38 -9.12
CA ALA B 153 -7.42 2.20 -8.30
C ALA B 153 -7.79 0.95 -9.08
N VAL B 154 -6.80 0.11 -9.35
CA VAL B 154 -7.04 -1.12 -10.08
C VAL B 154 -6.32 -2.29 -9.43
N SER B 155 -6.92 -3.47 -9.54
CA SER B 155 -6.32 -4.68 -9.00
C SER B 155 -5.89 -5.49 -10.22
N GLU B 156 -4.64 -5.92 -10.22
CA GLU B 156 -4.08 -6.66 -11.36
C GLU B 156 -3.31 -7.89 -10.88
N ALA B 157 -3.21 -8.89 -11.75
CA ALA B 157 -2.46 -10.10 -11.41
C ALA B 157 -0.98 -9.75 -11.57
N SER B 158 -0.16 -10.06 -10.56
CA SER B 158 1.27 -9.75 -10.62
C SER B 158 2.13 -10.86 -10.02
N TRP B 159 3.44 -10.78 -10.30
CA TRP B 159 4.41 -11.74 -9.77
C TRP B 159 4.93 -11.21 -8.44
N PHE B 160 5.11 -12.08 -7.47
CA PHE B 160 5.64 -11.65 -6.17
C PHE B 160 7.15 -11.84 -6.07
N THR B 161 7.72 -12.56 -7.03
CA THR B 161 9.17 -12.82 -7.05
C THR B 161 9.75 -12.69 -8.45
N SER B 162 11.08 -12.64 -8.54
CA SER B 162 11.74 -12.52 -9.84
C SER B 162 11.81 -13.84 -10.60
N GLU B 163 11.72 -14.95 -9.86
CA GLU B 163 11.74 -16.28 -10.47
C GLU B 163 10.65 -17.16 -9.88
N ARG B 164 10.01 -17.95 -10.72
CA ARG B 164 8.97 -18.86 -10.29
C ARG B 164 8.90 -20.12 -11.15
N PRO B 165 8.26 -21.17 -10.63
CA PRO B 165 8.12 -22.44 -11.36
C PRO B 165 7.62 -22.25 -12.78
N ALA B 166 8.05 -23.13 -13.68
CA ALA B 166 7.66 -23.05 -15.07
C ALA B 166 6.15 -23.23 -15.28
N GLU B 167 5.55 -24.14 -14.53
CA GLU B 167 4.14 -24.43 -14.67
C GLU B 167 3.24 -23.20 -14.50
N ILE B 168 3.37 -22.49 -13.39
CA ILE B 168 2.54 -21.31 -13.15
C ILE B 168 2.86 -20.28 -14.21
N GLU B 169 4.11 -20.17 -14.54
CA GLU B 169 4.61 -19.22 -15.52
C GLU B 169 4.04 -19.40 -16.91
N ASP B 170 4.08 -20.64 -17.40
CA ASP B 170 3.55 -20.94 -18.71
C ASP B 170 2.07 -20.58 -18.73
N PHE B 171 1.37 -20.84 -17.62
CA PHE B 171 -0.05 -20.52 -17.58
C PHE B 171 -0.30 -19.02 -17.80
N TRP B 172 0.34 -18.18 -16.99
CA TRP B 172 0.16 -16.74 -17.11
C TRP B 172 0.71 -16.13 -18.39
N MET B 173 1.88 -16.59 -18.84
CA MET B 173 2.45 -16.06 -20.06
C MET B 173 1.53 -16.37 -21.25
N ASP B 174 0.60 -17.29 -21.04
CA ASP B 174 -0.34 -17.68 -22.09
C ASP B 174 -1.67 -16.95 -21.92
N ALA B 175 -2.15 -16.90 -20.69
CA ALA B 175 -3.41 -16.23 -20.38
C ALA B 175 -3.27 -14.71 -20.41
N TYR B 176 -2.25 -14.21 -19.72
CA TYR B 176 -2.00 -12.78 -19.64
C TYR B 176 -0.51 -12.52 -19.67
N PRO B 177 0.05 -12.36 -20.88
CA PRO B 177 1.49 -12.11 -21.07
C PRO B 177 2.02 -10.84 -20.42
N GLU B 178 1.16 -9.83 -20.26
CA GLU B 178 1.60 -8.58 -19.65
C GLU B 178 1.87 -8.70 -18.15
N ILE B 179 1.55 -9.85 -17.55
CA ILE B 179 1.80 -10.02 -16.12
C ILE B 179 3.27 -9.71 -15.82
N SER B 180 3.53 -9.08 -14.68
CA SER B 180 4.89 -8.69 -14.31
C SER B 180 5.06 -8.56 -12.80
N VAL B 181 6.29 -8.22 -12.39
CA VAL B 181 6.59 -8.02 -10.98
C VAL B 181 6.02 -6.68 -10.55
N ILE B 182 5.75 -6.56 -9.24
CA ILE B 182 5.20 -5.33 -8.70
C ILE B 182 5.99 -4.07 -9.08
N PRO B 183 7.34 -4.10 -8.96
CA PRO B 183 8.13 -2.92 -9.32
C PRO B 183 7.84 -2.37 -10.72
N THR B 184 7.62 -3.27 -11.68
CA THR B 184 7.34 -2.89 -13.05
C THR B 184 5.98 -2.21 -13.18
N CYS B 185 5.00 -2.73 -12.46
CA CYS B 185 3.67 -2.15 -12.49
C CYS B 185 3.71 -0.71 -11.97
N ILE B 186 4.48 -0.47 -10.92
CA ILE B 186 4.60 0.86 -10.36
C ILE B 186 5.35 1.79 -11.30
N ASP B 187 6.37 1.26 -11.98
CA ASP B 187 7.15 2.04 -12.92
C ASP B 187 6.24 2.62 -14.01
N LYS B 188 5.34 1.80 -14.53
CA LYS B 188 4.41 2.20 -15.57
C LYS B 188 3.44 3.28 -15.10
N MET B 189 3.13 3.26 -13.80
CA MET B 189 2.23 4.27 -13.24
C MET B 189 2.88 5.63 -13.30
N GLU B 190 4.17 5.68 -12.96
CA GLU B 190 4.92 6.93 -12.98
C GLU B 190 4.97 7.45 -14.41
N ARG B 191 5.34 6.57 -15.34
CA ARG B 191 5.44 6.94 -16.75
C ARG B 191 4.11 7.44 -17.26
N ALA B 192 3.03 6.95 -16.65
CA ALA B 192 1.70 7.35 -17.07
C ALA B 192 1.30 8.67 -16.39
N GLY B 193 2.18 9.22 -15.56
CA GLY B 193 1.87 10.48 -14.91
C GLY B 193 1.09 10.38 -13.61
N TYR B 194 1.21 9.24 -12.94
CA TYR B 194 0.53 9.01 -11.67
C TYR B 194 1.53 8.97 -10.54
N THR B 195 1.16 9.52 -9.40
CA THR B 195 2.02 9.47 -8.24
C THR B 195 1.67 8.09 -7.66
N PRO B 196 2.67 7.22 -7.45
CA PRO B 196 2.45 5.87 -6.90
C PRO B 196 2.04 5.87 -5.43
N THR B 197 0.84 6.35 -5.17
CA THR B 197 0.28 6.47 -3.82
C THR B 197 0.46 5.22 -2.96
N ALA B 198 0.04 4.07 -3.48
CA ALA B 198 0.15 2.84 -2.71
C ALA B 198 -0.14 1.58 -3.52
N HIS B 199 0.21 0.45 -2.94
CA HIS B 199 -0.06 -0.86 -3.52
C HIS B 199 -0.10 -1.87 -2.38
N PHE B 200 -0.85 -2.93 -2.56
CA PHE B 200 -0.93 -4.00 -1.56
C PHE B 200 -1.44 -5.28 -2.19
N ILE B 201 -0.93 -6.39 -1.69
CA ILE B 201 -1.32 -7.71 -2.16
C ILE B 201 -2.63 -8.12 -1.51
N LEU B 202 -3.60 -8.54 -2.32
CA LEU B 202 -4.88 -8.94 -1.78
C LEU B 202 -4.74 -10.24 -0.97
N PRO B 203 -5.33 -10.28 0.24
CA PRO B 203 -5.26 -11.47 1.10
C PRO B 203 -5.77 -12.70 0.35
N GLU B 204 -5.31 -13.87 0.75
CA GLU B 204 -5.72 -15.10 0.09
C GLU B 204 -7.21 -15.33 0.11
N ASN B 205 -7.89 -14.89 1.17
CA ASN B 205 -9.33 -15.10 1.27
C ASN B 205 -10.07 -14.46 0.09
N CYS B 206 -9.44 -13.48 -0.55
CA CYS B 206 -10.06 -12.83 -1.69
C CYS B 206 -10.20 -13.86 -2.83
N TRP B 207 -9.35 -14.87 -2.83
CA TRP B 207 -9.40 -15.91 -3.85
C TRP B 207 -10.26 -17.10 -3.45
N THR B 208 -9.96 -17.70 -2.31
CA THR B 208 -10.69 -18.87 -1.83
C THR B 208 -12.13 -18.59 -1.38
N GLU B 209 -12.27 -17.79 -0.34
CA GLU B 209 -13.60 -17.48 0.19
C GLU B 209 -14.54 -16.71 -0.73
N HIS B 210 -14.01 -15.68 -1.39
CA HIS B 210 -14.82 -14.83 -2.25
C HIS B 210 -14.79 -15.11 -3.73
N TYR B 211 -13.97 -16.06 -4.18
CA TYR B 211 -13.91 -16.38 -5.59
C TYR B 211 -14.08 -17.86 -5.90
N PHE B 212 -13.28 -18.70 -5.26
CA PHE B 212 -13.36 -20.15 -5.50
C PHE B 212 -14.54 -20.83 -4.78
N ALA B 213 -14.68 -20.58 -3.47
CA ALA B 213 -15.76 -21.16 -2.68
C ALA B 213 -17.13 -20.98 -3.33
N PRO B 214 -17.47 -19.75 -3.74
CA PRO B 214 -18.75 -19.46 -4.38
C PRO B 214 -19.02 -20.31 -5.62
N GLN B 215 -17.96 -20.70 -6.31
CA GLN B 215 -18.10 -21.52 -7.51
C GLN B 215 -18.32 -23.00 -7.19
N ASP B 216 -17.88 -23.43 -6.01
CA ASP B 216 -18.06 -24.82 -5.60
C ASP B 216 -19.52 -25.05 -5.26
N GLU B 217 -20.16 -24.04 -4.69
CA GLU B 217 -21.56 -24.12 -4.31
C GLU B 217 -22.44 -24.56 -5.48
N VAL B 218 -22.27 -23.88 -6.62
CA VAL B 218 -23.05 -24.16 -7.83
C VAL B 218 -22.41 -25.23 -8.72
N ARG B 219 -21.36 -25.85 -8.22
CA ARG B 219 -20.65 -26.87 -8.98
C ARG B 219 -21.45 -28.17 -9.14
N GLU B 220 -22.38 -28.43 -8.22
CA GLU B 220 -23.18 -29.64 -8.28
C GLU B 220 -24.33 -29.50 -9.28
N THR B 221 -25.05 -28.38 -9.21
CA THR B 221 -26.17 -28.17 -10.12
C THR B 221 -25.65 -28.02 -11.55
N PHE B 222 -24.42 -27.50 -11.66
CA PHE B 222 -23.80 -27.30 -12.97
C PHE B 222 -23.32 -28.64 -13.55
N MET B 223 -22.87 -29.53 -12.67
CA MET B 223 -22.38 -30.85 -13.08
C MET B 223 -23.51 -31.79 -13.51
N LYS B 224 -24.73 -31.49 -13.08
CA LYS B 224 -25.89 -32.31 -13.44
C LYS B 224 -26.51 -31.81 -14.73
N GLU B 225 -26.41 -30.51 -14.97
CA GLU B 225 -26.99 -29.96 -16.18
C GLU B 225 -26.08 -30.06 -17.39
N HIS B 226 -24.78 -29.94 -17.20
CA HIS B 226 -23.86 -30.01 -18.32
C HIS B 226 -23.00 -31.27 -18.31
N ALA B 227 -23.38 -32.23 -17.48
CA ALA B 227 -22.64 -33.50 -17.36
C ALA B 227 -22.38 -34.17 -18.70
N GLY B 228 -23.34 -34.07 -19.60
CA GLY B 228 -23.18 -34.72 -20.90
C GLY B 228 -22.65 -33.84 -22.02
N ASN B 229 -22.15 -32.66 -21.68
CA ASN B 229 -21.63 -31.76 -22.71
C ASN B 229 -20.12 -31.51 -22.60
N LYS B 230 -19.38 -32.01 -23.57
CA LYS B 230 -17.93 -31.88 -23.63
C LYS B 230 -17.42 -30.47 -23.35
N THR B 231 -17.71 -29.53 -24.25
CA THR B 231 -17.27 -28.13 -24.07
C THR B 231 -17.50 -27.61 -22.66
N ALA B 232 -18.68 -27.89 -22.10
CA ALA B 232 -19.00 -27.44 -20.75
C ALA B 232 -18.10 -28.09 -19.72
N MET B 233 -17.96 -29.41 -19.83
CA MET B 233 -17.13 -30.15 -18.89
C MET B 233 -15.68 -29.69 -18.95
N ASP B 234 -15.22 -29.38 -20.15
CA ASP B 234 -13.85 -28.90 -20.30
C ASP B 234 -13.68 -27.61 -19.51
N PHE B 235 -14.65 -26.71 -19.65
CA PHE B 235 -14.62 -25.44 -18.93
C PHE B 235 -14.44 -25.71 -17.45
N MET B 236 -15.06 -26.78 -16.97
CA MET B 236 -14.98 -27.15 -15.57
C MET B 236 -13.55 -27.55 -15.20
N LYS B 237 -12.91 -28.36 -16.04
CA LYS B 237 -11.53 -28.79 -15.79
C LYS B 237 -10.66 -27.54 -15.68
N GLY B 238 -10.99 -26.53 -16.47
CA GLY B 238 -10.24 -25.28 -16.44
C GLY B 238 -10.38 -24.60 -15.09
N GLN B 239 -11.62 -24.40 -14.64
CA GLN B 239 -11.88 -23.77 -13.35
C GLN B 239 -11.15 -24.51 -12.25
N GLN B 240 -11.19 -25.84 -12.29
CA GLN B 240 -10.51 -26.65 -11.28
C GLN B 240 -9.00 -26.50 -11.37
N TYR B 241 -8.49 -26.38 -12.59
CA TYR B 241 -7.05 -26.23 -12.81
C TYR B 241 -6.55 -24.89 -12.24
N GLU B 242 -7.42 -23.87 -12.26
CA GLU B 242 -7.05 -22.57 -11.72
C GLU B 242 -6.88 -22.67 -10.21
N ARG B 243 -7.79 -23.38 -9.56
CA ARG B 243 -7.71 -23.53 -8.11
C ARG B 243 -6.44 -24.26 -7.76
N SER B 244 -6.08 -25.25 -8.57
CA SER B 244 -4.88 -26.04 -8.33
C SER B 244 -3.64 -25.17 -8.44
N LEU B 245 -3.59 -24.36 -9.49
CA LEU B 245 -2.44 -23.48 -9.67
C LEU B 245 -2.29 -22.54 -8.46
N TYR B 246 -3.41 -21.97 -8.02
CA TYR B 246 -3.41 -21.07 -6.89
C TYR B 246 -3.03 -21.78 -5.59
N SER B 247 -3.65 -22.93 -5.36
CA SER B 247 -3.39 -23.69 -4.15
C SER B 247 -2.06 -24.42 -4.22
N LYS B 248 -1.12 -23.86 -4.99
CA LYS B 248 0.20 -24.48 -5.14
C LYS B 248 1.25 -23.45 -5.52
N TYR B 249 0.80 -22.29 -6.01
CA TYR B 249 1.72 -21.25 -6.43
C TYR B 249 1.34 -19.90 -5.84
N LYS B 250 0.41 -19.90 -4.90
CA LYS B 250 -0.04 -18.66 -4.25
C LYS B 250 1.11 -17.81 -3.71
N ASP B 251 2.27 -18.42 -3.47
CA ASP B 251 3.40 -17.66 -2.96
C ASP B 251 4.16 -16.98 -4.07
N TYR B 252 3.85 -17.34 -5.32
CA TYR B 252 4.53 -16.76 -6.48
C TYR B 252 3.71 -15.75 -7.28
N TYR B 253 2.43 -15.60 -6.96
CA TYR B 253 1.59 -14.67 -7.70
C TYR B 253 0.28 -14.42 -6.98
N GLY B 254 -0.51 -13.50 -7.54
CA GLY B 254 -1.80 -13.18 -6.97
C GLY B 254 -2.28 -11.84 -7.48
N TYR B 255 -3.36 -11.33 -6.92
CA TYR B 255 -3.88 -10.03 -7.31
C TYR B 255 -3.25 -8.95 -6.44
N VAL B 256 -3.01 -7.79 -7.05
CA VAL B 256 -2.41 -6.65 -6.37
C VAL B 256 -3.21 -5.40 -6.67
N PHE B 257 -3.47 -4.59 -5.64
CA PHE B 257 -4.21 -3.35 -5.79
C PHE B 257 -3.21 -2.22 -5.94
N TYR B 258 -3.33 -1.45 -7.01
CA TYR B 258 -2.45 -0.32 -7.29
C TYR B 258 -3.27 0.96 -7.22
N ILE B 259 -2.79 1.92 -6.47
CA ILE B 259 -3.51 3.18 -6.34
C ILE B 259 -2.58 4.31 -6.76
N GLY B 260 -3.07 5.20 -7.62
CA GLY B 260 -2.26 6.32 -8.06
C GLY B 260 -3.07 7.60 -8.20
N GLN B 261 -2.40 8.74 -8.05
CA GLN B 261 -3.06 10.03 -8.19
C GLN B 261 -2.47 10.77 -9.39
N LYS B 262 -3.34 11.17 -10.31
CA LYS B 262 -2.90 11.88 -11.50
C LYS B 262 -2.22 13.20 -11.15
N ARG B 263 -1.01 13.39 -11.64
CA ARG B 263 -0.25 14.61 -11.37
C ARG B 263 -0.66 15.74 -12.32
N SAH C . 11.71 6.72 14.72
CA SAH C . 11.58 8.01 15.41
CB SAH C . 12.90 8.77 15.31
CG SAH C . 13.35 8.95 13.85
SD SAH C . 14.89 9.93 13.68
C SAH C . 10.46 8.82 14.77
O SAH C . 10.03 8.39 13.66
OXT SAH C . 10.05 9.82 15.36
C5' SAH C . 16.12 8.61 13.40
C4' SAH C . 16.49 7.81 14.66
O4' SAH C . 17.53 6.89 14.33
C3' SAH C . 17.04 8.74 15.75
O3' SAH C . 16.41 8.44 16.99
C2' SAH C . 18.52 8.36 15.78
O2' SAH C . 19.03 8.52 17.11
C1' SAH C . 18.40 6.87 15.48
N9 SAH C . 19.70 6.26 15.13
C8 SAH C . 20.66 6.83 14.39
N7 SAH C . 21.65 5.96 14.19
C5 SAH C . 21.34 4.84 14.82
C6 SAH C . 21.97 3.61 14.96
N6 SAH C . 23.14 3.38 14.38
N1 SAH C . 21.35 2.64 15.68
C2 SAH C . 20.18 2.87 16.25
N3 SAH C . 19.56 4.04 16.13
C4 SAH C . 20.10 5.03 15.44
N SAH D . -14.76 -6.33 -11.89
CA SAH D . -15.62 -7.50 -11.67
CB SAH D . -15.55 -8.42 -12.89
CG SAH D . -14.11 -8.82 -13.22
SD SAH D . -13.98 -9.97 -14.64
C SAH D . -15.13 -8.26 -10.43
O SAH D . -14.00 -7.95 -9.98
OXT SAH D . -15.90 -9.12 -9.94
C5' SAH D . -13.43 -8.84 -15.96
C4' SAH D . -14.54 -7.93 -16.49
O4' SAH D . -14.04 -7.18 -17.62
C3' SAH D . -15.70 -8.78 -17.02
O3' SAH D . -16.94 -8.24 -16.55
C2' SAH D . -15.59 -8.59 -18.54
O2' SAH D . -16.90 -8.68 -19.11
C1' SAH D . -15.12 -7.14 -18.57
N9 SAH D . -14.58 -6.75 -19.89
C8 SAH D . -13.85 -7.51 -20.70
N7 SAH D . -13.46 -6.81 -21.76
C5 SAH D . -13.96 -5.58 -21.64
C6 SAH D . -13.90 -4.43 -22.42
N6 SAH D . -13.22 -4.42 -23.56
N1 SAH D . -14.54 -3.32 -21.98
C2 SAH D . -15.20 -3.33 -20.84
N3 SAH D . -15.28 -4.40 -20.08
C4 SAH D . -14.67 -5.55 -20.44
#